data_3PGE
#
_entry.id   3PGE
#
_cell.length_a   268.816
_cell.length_b   268.816
_cell.length_c   268.816
_cell.angle_alpha   90.00
_cell.angle_beta   90.00
_cell.angle_gamma   90.00
#
_symmetry.space_group_name_H-M   'F 4 3 2'
#
loop_
_entity.id
_entity.type
_entity.pdbx_description
1 polymer 'SUMO-modified proliferating cell nuclear antigen'
2 polymer 'Proliferating cell nuclear antigen'
#
loop_
_entity_poly.entity_id
_entity_poly.type
_entity_poly.pdbx_seq_one_letter_code
_entity_poly.pdbx_strand_id
1 'polypeptide(L)'
;HHHHHHMSDSEVNQEAKPEVKPEVKPETHINLKVSDGSSEIFFKIKKTTPLRRLMEAFAKRQGKEMDSLRFLYDGIRIQA
DQTPEDLDMEDNDIIEAHREQIGGGGETIKFVADGDIGSGSVIIKPFVDMEHPETSIKLEMDQPVDLTFGAKYLLDIIKG
SSLSDRVGIRLSSEAPALFQFDLKSGFLQFFLAPKFNDEE
;
A
2 'polypeptide(L)'
;DYKDDDDKMLEAKFEEASLFKRIIDGFKDCVQLVNFQCKEDGIIAQAVDDSRVLLVSLEIGVEAFQEYRCDHPVTLGMDL
TSLSKILRCGNNTDTLTLIADNTPDSIILLFEDTKKDRIAEYSLKLMDIDADFLKIEELQYDSTLSLPSSEFSKIVRDLS
QLSDSINIMIT
;
B
#
# COMPACT_ATOMS: atom_id res chain seq x y z
N LYS A 25 -31.38 3.16 4.59
CA LYS A 25 -30.66 1.89 4.71
C LYS A 25 -29.37 1.91 3.92
N PRO A 26 -28.66 0.79 3.93
CA PRO A 26 -27.38 0.68 3.21
C PRO A 26 -27.59 0.56 1.71
N GLU A 27 -26.50 0.38 0.96
CA GLU A 27 -26.57 0.24 -0.48
C GLU A 27 -27.69 -0.67 -1.01
N THR A 28 -27.76 -1.86 -0.41
CA THR A 28 -28.77 -2.90 -0.69
C THR A 28 -28.68 -3.61 -2.07
N HIS A 29 -27.83 -3.09 -2.95
CA HIS A 29 -27.62 -3.69 -4.27
C HIS A 29 -26.22 -3.25 -4.67
N ILE A 30 -25.53 -4.12 -5.42
CA ILE A 30 -24.26 -3.75 -6.06
C ILE A 30 -24.06 -4.35 -7.45
N ASN A 31 -23.15 -3.76 -8.21
CA ASN A 31 -22.83 -4.24 -9.55
C ASN A 31 -21.50 -4.99 -9.60
N LEU A 32 -21.47 -6.10 -10.34
CA LEU A 32 -20.26 -6.91 -10.51
C LEU A 32 -20.04 -7.31 -11.95
N LYS A 33 -18.81 -7.14 -12.45
CA LYS A 33 -18.48 -7.68 -13.76
C LYS A 33 -18.35 -9.21 -13.60
N VAL A 34 -18.45 -9.96 -14.69
CA VAL A 34 -18.07 -11.35 -14.71
C VAL A 34 -17.42 -11.59 -16.06
N SER A 35 -16.13 -11.89 -16.04
CA SER A 35 -15.34 -11.90 -17.26
C SER A 35 -14.56 -13.19 -17.38
N ASP A 36 -14.28 -13.57 -18.62
CA ASP A 36 -13.28 -14.58 -18.92
C ASP A 36 -12.20 -13.94 -19.80
N GLY A 37 -12.35 -12.64 -20.06
CA GLY A 37 -11.32 -11.87 -20.75
C GLY A 37 -11.66 -11.36 -22.14
N SER A 38 -12.40 -12.17 -22.90
CA SER A 38 -12.92 -11.74 -24.18
C SER A 38 -14.41 -11.35 -24.03
N SER A 39 -15.06 -11.99 -23.06
CA SER A 39 -16.48 -11.83 -22.84
C SER A 39 -16.75 -11.49 -21.38
N GLU A 40 -17.33 -10.31 -21.15
CA GLU A 40 -17.75 -9.88 -19.80
C GLU A 40 -19.26 -9.58 -19.75
N ILE A 41 -19.83 -9.68 -18.55
CA ILE A 41 -21.22 -9.35 -18.32
C ILE A 41 -21.37 -8.64 -17.00
N PHE A 42 -22.10 -7.53 -16.97
CA PHE A 42 -22.36 -6.86 -15.70
C PHE A 42 -23.70 -7.25 -15.15
N PHE A 43 -23.82 -7.25 -13.83
CA PHE A 43 -25.05 -7.63 -13.14
C PHE A 43 -25.22 -6.64 -12.02
N LYS A 44 -26.44 -6.50 -11.54
CA LYS A 44 -26.67 -5.80 -10.29
C LYS A 44 -27.50 -6.75 -9.49
N ILE A 45 -27.08 -7.05 -8.27
CA ILE A 45 -27.91 -7.90 -7.41
C ILE A 45 -27.91 -7.42 -5.96
N LYS A 46 -28.89 -7.89 -5.19
CA LYS A 46 -28.94 -7.65 -3.76
C LYS A 46 -27.67 -8.27 -3.23
N LYS A 47 -27.26 -7.81 -2.05
CA LYS A 47 -26.05 -8.30 -1.45
C LYS A 47 -26.33 -9.61 -0.74
N THR A 48 -27.55 -10.14 -0.87
CA THR A 48 -27.96 -11.35 -0.15
C THR A 48 -28.20 -12.53 -1.08
N THR A 49 -28.20 -12.27 -2.39
CA THR A 49 -28.52 -13.33 -3.32
C THR A 49 -27.31 -14.22 -3.52
N PRO A 50 -27.52 -15.54 -3.43
CA PRO A 50 -26.55 -16.51 -3.93
C PRO A 50 -26.12 -16.20 -5.35
N LEU A 51 -24.84 -16.40 -5.63
CA LEU A 51 -24.29 -16.07 -6.92
C LEU A 51 -24.73 -17.05 -8.01
N ARG A 52 -25.54 -18.05 -7.67
CA ARG A 52 -25.86 -19.06 -8.68
C ARG A 52 -26.42 -18.45 -9.96
N ARG A 53 -27.36 -17.52 -9.81
CA ARG A 53 -27.96 -16.86 -10.97
C ARG A 53 -26.88 -16.52 -11.99
N LEU A 54 -25.97 -15.64 -11.55
CA LEU A 54 -24.96 -15.00 -12.37
C LEU A 54 -24.01 -16.01 -12.97
N MET A 55 -23.77 -17.09 -12.23
CA MET A 55 -22.83 -18.10 -12.66
C MET A 55 -23.47 -19.00 -13.70
N GLU A 56 -24.74 -19.34 -13.49
CA GLU A 56 -25.50 -20.06 -14.50
C GLU A 56 -25.72 -19.16 -15.72
N ALA A 57 -26.14 -17.92 -15.47
CA ALA A 57 -26.32 -16.90 -16.50
C ALA A 57 -25.09 -16.76 -17.39
N PHE A 58 -23.92 -16.54 -16.79
CA PHE A 58 -22.71 -16.38 -17.57
C PHE A 58 -22.44 -17.66 -18.34
N ALA A 59 -22.74 -18.79 -17.69
CA ALA A 59 -22.41 -20.10 -18.22
C ALA A 59 -23.26 -20.43 -19.46
N LYS A 60 -24.57 -20.23 -19.37
CA LYS A 60 -25.45 -20.38 -20.53
C LYS A 60 -24.93 -19.59 -21.74
N ARG A 61 -24.71 -18.28 -21.58
CA ARG A 61 -24.17 -17.47 -22.66
C ARG A 61 -22.92 -18.09 -23.25
N GLN A 62 -22.10 -18.70 -22.41
CA GLN A 62 -20.81 -19.17 -22.87
C GLN A 62 -20.91 -20.45 -23.70
N GLY A 63 -22.10 -21.03 -23.72
CA GLY A 63 -22.30 -22.33 -24.31
C GLY A 63 -21.94 -23.40 -23.30
N LYS A 64 -20.84 -23.16 -22.57
CA LYS A 64 -20.34 -24.12 -21.59
C LYS A 64 -21.33 -24.38 -20.44
N GLU A 65 -21.05 -25.42 -19.67
CA GLU A 65 -21.98 -25.93 -18.67
C GLU A 65 -21.62 -25.20 -17.38
N MET A 66 -22.59 -25.10 -16.48
CA MET A 66 -22.41 -24.45 -15.18
C MET A 66 -21.13 -24.96 -14.48
N ASP A 67 -21.03 -26.26 -14.26
CA ASP A 67 -19.97 -26.81 -13.40
C ASP A 67 -18.71 -27.26 -14.12
N SER A 68 -18.65 -27.02 -15.43
CA SER A 68 -17.41 -27.25 -16.18
C SER A 68 -16.50 -26.04 -16.03
N LEU A 69 -16.90 -25.13 -15.13
CA LEU A 69 -16.24 -23.83 -15.00
C LEU A 69 -15.84 -23.51 -13.58
N ARG A 70 -14.64 -22.95 -13.48
CA ARG A 70 -14.00 -22.54 -12.23
C ARG A 70 -14.18 -21.04 -12.06
N PHE A 71 -14.72 -20.61 -10.90
CA PHE A 71 -15.07 -19.19 -10.69
C PHE A 71 -14.35 -18.57 -9.50
N LEU A 72 -13.52 -17.55 -9.72
CA LEU A 72 -12.82 -16.92 -8.61
C LEU A 72 -12.94 -15.38 -8.48
N TYR A 73 -13.20 -14.95 -7.24
CA TYR A 73 -13.26 -13.53 -6.88
C TYR A 73 -11.97 -13.10 -6.17
N ASP A 74 -11.10 -12.36 -6.87
CA ASP A 74 -9.85 -11.90 -6.26
C ASP A 74 -9.00 -13.06 -5.80
N GLY A 75 -8.88 -14.10 -6.63
CA GLY A 75 -8.07 -15.27 -6.31
C GLY A 75 -8.74 -16.39 -5.53
N ILE A 76 -9.94 -16.11 -5.02
CA ILE A 76 -10.68 -17.03 -4.15
C ILE A 76 -11.70 -17.86 -4.94
N ARG A 77 -11.58 -19.19 -4.92
CA ARG A 77 -12.63 -20.03 -5.52
C ARG A 77 -13.96 -19.92 -4.77
N ILE A 78 -14.94 -19.33 -5.43
CA ILE A 78 -16.28 -19.21 -4.89
C ILE A 78 -17.21 -20.27 -5.49
N GLN A 79 -18.26 -20.60 -4.74
CA GLN A 79 -19.22 -21.60 -5.18
C GLN A 79 -20.64 -21.03 -5.13
N ALA A 80 -21.46 -21.46 -6.08
CA ALA A 80 -22.78 -20.86 -6.37
C ALA A 80 -23.65 -20.54 -5.14
N ASP A 81 -23.44 -21.26 -4.05
CA ASP A 81 -24.26 -21.11 -2.85
C ASP A 81 -23.90 -19.91 -1.99
N GLN A 82 -23.15 -18.97 -2.54
CA GLN A 82 -22.59 -17.89 -1.72
C GLN A 82 -23.00 -16.45 -2.00
N THR A 83 -23.09 -15.62 -0.97
CA THR A 83 -23.57 -14.28 -1.19
C THR A 83 -22.44 -13.24 -1.22
N PRO A 84 -22.70 -12.08 -1.83
CA PRO A 84 -21.70 -11.01 -1.94
C PRO A 84 -21.32 -10.37 -0.61
N GLU A 85 -22.22 -10.35 0.37
CA GLU A 85 -21.85 -9.76 1.67
C GLU A 85 -20.99 -10.76 2.45
N ASP A 86 -21.06 -12.03 2.02
CA ASP A 86 -20.18 -13.08 2.49
C ASP A 86 -18.73 -12.86 2.08
N LEU A 87 -18.52 -12.57 0.81
CA LEU A 87 -17.18 -12.33 0.29
C LEU A 87 -16.73 -10.91 0.64
N ASP A 88 -17.59 -10.17 1.33
CA ASP A 88 -17.36 -8.75 1.61
C ASP A 88 -17.05 -7.93 0.36
N MET A 89 -17.93 -8.05 -0.62
CA MET A 89 -17.69 -7.46 -1.91
C MET A 89 -18.00 -6.00 -2.01
N GLU A 90 -17.13 -5.34 -2.76
CA GLU A 90 -17.23 -3.93 -3.12
C GLU A 90 -18.28 -3.72 -4.22
N ASP A 91 -18.51 -2.46 -4.55
CA ASP A 91 -19.19 -2.15 -5.79
C ASP A 91 -18.15 -2.34 -6.88
N ASN A 92 -18.57 -2.75 -8.07
CA ASN A 92 -17.67 -2.86 -9.22
C ASN A 92 -16.62 -3.96 -9.09
N ASP A 93 -16.87 -4.95 -8.24
CA ASP A 93 -15.93 -6.06 -8.07
C ASP A 93 -16.02 -7.03 -9.24
N ILE A 94 -15.00 -7.88 -9.42
CA ILE A 94 -14.99 -8.78 -10.56
C ILE A 94 -14.92 -10.24 -10.17
N ILE A 95 -15.71 -11.07 -10.86
CA ILE A 95 -15.56 -12.52 -10.79
C ILE A 95 -14.96 -12.98 -12.11
N GLU A 96 -14.04 -13.93 -12.04
CA GLU A 96 -13.40 -14.42 -13.25
C GLU A 96 -13.77 -15.86 -13.48
N ALA A 97 -13.95 -16.24 -14.73
CA ALA A 97 -14.28 -17.61 -15.06
C ALA A 97 -13.11 -18.29 -15.78
N HIS A 98 -12.65 -19.41 -15.23
CA HIS A 98 -11.58 -20.20 -15.85
C HIS A 98 -12.09 -21.61 -16.11
N ARG A 99 -11.46 -22.27 -17.08
CA ARG A 99 -11.76 -23.67 -17.39
C ARG A 99 -11.23 -24.49 -16.22
N GLU A 100 -11.88 -25.62 -15.91
CA GLU A 100 -11.53 -26.45 -14.74
C GLU A 100 -10.02 -26.69 -14.52
N GLN A 101 -9.61 -26.63 -13.25
CA GLN A 101 -8.19 -26.60 -12.88
C GLN A 101 -7.63 -27.88 -12.23
N ILE A 102 -7.00 -27.71 -11.07
CA ILE A 102 -6.19 -28.76 -10.46
C ILE A 102 -6.76 -29.44 -9.20
N GLY A 103 -6.91 -28.70 -8.11
CA GLY A 103 -6.73 -27.25 -8.10
C GLY A 103 -7.47 -26.63 -6.91
N GLY A 104 -8.57 -25.93 -7.18
CA GLY A 104 -9.44 -25.40 -6.15
C GLY A 104 -8.81 -24.35 -5.24
N GLY A 106 -7.90 -20.88 -6.45
CA GLY A 106 -6.84 -21.87 -6.58
C GLY A 106 -5.46 -21.24 -6.81
N GLU A 107 -5.45 -19.92 -6.94
CA GLU A 107 -4.21 -19.16 -7.10
C GLU A 107 -3.50 -18.94 -5.78
N THR A 108 -2.17 -18.88 -5.82
CA THR A 108 -1.40 -18.72 -4.59
C THR A 108 -0.16 -17.86 -4.73
N ILE A 109 0.22 -17.26 -3.62
CA ILE A 109 1.45 -16.51 -3.53
C ILE A 109 2.48 -17.26 -2.73
N LYS A 110 3.67 -17.42 -3.29
CA LYS A 110 4.74 -18.11 -2.58
C LYS A 110 5.99 -17.26 -2.46
N PHE A 111 6.39 -17.03 -1.21
CA PHE A 111 7.66 -16.37 -0.90
C PHE A 111 8.71 -17.39 -0.55
N VAL A 112 9.92 -17.21 -1.06
CA VAL A 112 10.96 -18.20 -0.83
C VAL A 112 12.29 -17.52 -0.67
N ALA A 113 13.08 -17.97 0.30
CA ALA A 113 14.51 -17.64 0.36
C ALA A 113 15.36 -18.89 0.43
N ASP A 114 16.43 -18.96 -0.37
CA ASP A 114 17.46 -20.01 -0.25
C ASP A 114 18.78 -19.42 0.16
N GLY A 115 19.22 -19.66 1.38
CA GLY A 115 20.48 -19.14 1.85
C GLY A 115 21.53 -20.20 2.11
N ASP A 116 22.55 -19.82 2.86
CA ASP A 116 23.68 -20.70 3.13
C ASP A 116 23.32 -21.80 4.09
N ILE A 117 22.54 -21.45 5.10
CA ILE A 117 22.22 -22.36 6.18
C ILE A 117 21.03 -23.27 5.84
N GLY A 118 20.24 -22.84 4.87
CA GLY A 118 19.02 -23.55 4.55
C GLY A 118 18.09 -22.74 3.69
N SER A 119 16.79 -22.90 3.91
CA SER A 119 15.81 -22.33 3.02
C SER A 119 14.45 -22.19 3.67
N GLY A 120 13.61 -21.32 3.10
CA GLY A 120 12.35 -20.96 3.72
C GLY A 120 11.26 -20.82 2.69
N SER A 121 10.03 -21.12 3.06
CA SER A 121 8.95 -21.15 2.08
C SER A 121 7.58 -20.98 2.69
N VAL A 122 7.04 -19.77 2.58
CA VAL A 122 5.65 -19.48 2.98
C VAL A 122 4.72 -19.47 1.78
N ILE A 123 3.60 -20.16 1.90
CA ILE A 123 2.57 -20.12 0.88
C ILE A 123 1.28 -19.61 1.47
N ILE A 124 0.77 -18.53 0.90
CA ILE A 124 -0.47 -17.97 1.40
C ILE A 124 -1.56 -18.00 0.32
N LYS A 125 -2.77 -18.26 0.75
CA LYS A 125 -3.87 -18.39 -0.19
C LYS A 125 -4.82 -17.20 -0.01
N PRO A 126 -5.33 -16.66 -1.11
CA PRO A 126 -6.29 -15.57 -0.97
C PRO A 126 -7.47 -16.12 -0.23
N PHE A 127 -7.98 -15.36 0.73
CA PHE A 127 -9.16 -15.74 1.48
C PHE A 127 -9.82 -14.48 2.02
N VAL A 128 -11.12 -14.58 2.34
CA VAL A 128 -11.85 -13.50 3.02
C VAL A 128 -12.57 -14.03 4.23
N ASP A 129 -12.26 -13.48 5.40
CA ASP A 129 -13.04 -13.77 6.60
C ASP A 129 -14.04 -12.64 6.83
N MET A 130 -15.32 -12.94 6.72
CA MET A 130 -16.33 -11.88 6.73
C MET A 130 -16.56 -11.31 8.12
N GLU A 131 -16.47 -12.17 9.14
CA GLU A 131 -16.63 -11.73 10.52
C GLU A 131 -15.78 -10.49 10.75
N HIS A 132 -14.50 -10.57 10.39
CA HIS A 132 -13.59 -9.43 10.37
C HIS A 132 -12.65 -9.53 9.16
N PRO A 133 -12.83 -8.61 8.19
CA PRO A 133 -12.24 -8.65 6.85
C PRO A 133 -11.02 -7.74 6.65
N GLU A 134 -10.61 -7.03 7.68
CA GLU A 134 -9.37 -6.24 7.64
C GLU A 134 -8.17 -7.22 7.52
N THR A 135 -8.50 -8.50 7.60
CA THR A 135 -7.51 -9.55 7.75
C THR A 135 -7.31 -10.32 6.45
N SER A 136 -8.20 -10.07 5.50
CA SER A 136 -8.32 -10.95 4.35
C SER A 136 -7.17 -10.78 3.37
N ILE A 137 -7.17 -11.60 2.32
CA ILE A 137 -6.08 -11.57 1.36
C ILE A 137 -6.61 -11.67 -0.06
N LYS A 138 -6.40 -10.59 -0.81
CA LYS A 138 -6.99 -10.43 -2.13
C LYS A 138 -5.91 -10.52 -3.18
N LEU A 139 -6.24 -11.02 -4.37
CA LEU A 139 -5.24 -11.16 -5.43
C LEU A 139 -5.83 -11.02 -6.84
N GLU A 140 -5.55 -9.90 -7.49
CA GLU A 140 -5.81 -9.76 -8.93
C GLU A 140 -4.56 -10.26 -9.64
N MET A 141 -4.64 -11.44 -10.25
CA MET A 141 -3.55 -11.90 -11.09
C MET A 141 -3.96 -11.81 -12.55
N ASP A 142 -3.23 -11.04 -13.33
CA ASP A 142 -3.48 -11.00 -14.76
C ASP A 142 -2.47 -11.87 -15.50
N GLN A 143 -1.21 -11.69 -15.16
CA GLN A 143 -0.14 -12.58 -15.58
C GLN A 143 0.46 -13.20 -14.33
N PRO A 144 0.96 -14.43 -14.44
CA PRO A 144 1.71 -14.97 -13.31
C PRO A 144 3.07 -14.27 -13.25
N VAL A 145 3.64 -14.07 -12.07
CA VAL A 145 4.99 -13.51 -11.97
C VAL A 145 5.90 -14.28 -11.05
N ASP A 146 7.20 -14.14 -11.32
CA ASP A 146 8.23 -14.78 -10.54
C ASP A 146 9.38 -13.80 -10.38
N LEU A 147 9.46 -13.11 -9.24
CA LEU A 147 10.47 -12.09 -9.05
C LEU A 147 11.25 -12.24 -7.73
N THR A 148 12.50 -11.78 -7.73
CA THR A 148 13.32 -11.80 -6.54
C THR A 148 13.71 -10.38 -6.15
N PHE A 149 13.78 -10.13 -4.85
CA PHE A 149 14.12 -8.82 -4.29
C PHE A 149 15.19 -8.95 -3.22
N GLY A 150 15.77 -7.83 -2.81
CA GLY A 150 16.80 -7.87 -1.81
C GLY A 150 16.22 -7.74 -0.44
N ALA A 151 16.47 -8.71 0.43
CA ALA A 151 15.86 -8.71 1.75
C ALA A 151 16.24 -7.47 2.54
N LYS A 152 17.42 -6.88 2.27
CA LYS A 152 17.78 -5.66 2.99
C LYS A 152 16.78 -4.53 2.72
N TYR A 153 16.34 -4.44 1.47
CA TYR A 153 15.38 -3.42 1.04
C TYR A 153 13.99 -3.68 1.55
N LEU A 154 13.51 -4.90 1.36
CA LEU A 154 12.23 -5.30 1.94
C LEU A 154 12.18 -5.01 3.43
N LEU A 155 13.33 -5.08 4.09
CA LEU A 155 13.36 -4.90 5.53
C LEU A 155 13.03 -3.48 5.95
N ASP A 156 13.46 -2.51 5.13
CA ASP A 156 13.07 -1.11 5.28
C ASP A 156 11.66 -0.79 4.84
N ILE A 157 11.25 -1.38 3.73
CA ILE A 157 9.89 -1.21 3.27
C ILE A 157 8.86 -1.59 4.34
N ILE A 158 9.08 -2.67 5.07
CA ILE A 158 8.08 -3.07 6.07
C ILE A 158 8.01 -2.08 7.25
N LYS A 159 8.94 -1.14 7.32
CA LYS A 159 8.93 -0.17 8.41
C LYS A 159 7.71 0.75 8.31
N GLY A 160 7.11 0.82 7.11
CA GLY A 160 5.81 1.46 6.92
C GLY A 160 4.59 0.69 7.41
N SER A 161 4.76 -0.48 8.03
CA SER A 161 3.61 -1.20 8.56
C SER A 161 2.92 -0.39 9.66
N SER A 162 3.67 0.52 10.27
CA SER A 162 3.17 1.38 11.33
C SER A 162 2.02 2.30 10.86
N LEU A 163 1.99 2.60 9.56
CA LEU A 163 1.07 3.57 8.98
C LEU A 163 -0.27 3.04 8.53
N SER A 164 -0.39 1.73 8.34
CA SER A 164 -1.55 1.20 7.63
C SER A 164 -1.84 -0.22 8.05
N ASP A 165 -3.12 -0.57 8.19
CA ASP A 165 -3.48 -1.94 8.55
C ASP A 165 -3.09 -2.91 7.47
N ARG A 166 -3.19 -2.47 6.23
CA ARG A 166 -2.94 -3.32 5.10
C ARG A 166 -1.83 -2.78 4.22
N VAL A 167 -1.29 -3.66 3.38
CA VAL A 167 -0.26 -3.27 2.43
C VAL A 167 -0.70 -3.70 1.03
N GLY A 168 -0.39 -2.86 0.05
CA GLY A 168 -0.80 -3.13 -1.32
C GLY A 168 0.46 -3.31 -2.12
N ILE A 169 0.51 -4.37 -2.91
CA ILE A 169 1.70 -4.74 -3.65
C ILE A 169 1.34 -5.02 -5.09
N ARG A 170 2.00 -4.31 -6.00
CA ARG A 170 1.72 -4.48 -7.41
C ARG A 170 3.01 -4.95 -8.05
N LEU A 171 2.94 -6.02 -8.83
CA LEU A 171 4.15 -6.64 -9.35
C LEU A 171 4.18 -6.66 -10.87
N SER A 172 5.25 -6.16 -11.45
CA SER A 172 5.38 -6.11 -12.90
C SER A 172 6.65 -6.85 -13.25
N SER A 173 6.57 -7.74 -14.23
CA SER A 173 7.75 -8.48 -14.65
C SER A 173 8.71 -7.55 -15.39
N GLU A 174 8.22 -6.34 -15.67
CA GLU A 174 9.00 -5.32 -16.36
C GLU A 174 9.46 -4.12 -15.55
N ALA A 175 8.57 -3.58 -14.73
CA ALA A 175 8.84 -2.37 -13.97
C ALA A 175 9.26 -2.79 -12.55
N PRO A 176 9.75 -1.82 -11.75
CA PRO A 176 9.85 -2.02 -10.31
C PRO A 176 8.50 -2.28 -9.67
N ALA A 177 8.54 -3.04 -8.57
CA ALA A 177 7.37 -3.36 -7.77
C ALA A 177 6.94 -2.21 -6.88
N LEU A 178 5.64 -2.13 -6.64
CA LEU A 178 5.10 -1.04 -5.86
C LEU A 178 4.60 -1.62 -4.55
N PHE A 179 5.02 -1.03 -3.43
CA PHE A 179 4.53 -1.41 -2.13
C PHE A 179 3.87 -0.19 -1.53
N GLN A 180 2.59 -0.27 -1.26
CA GLN A 180 1.89 0.93 -0.89
C GLN A 180 1.21 0.80 0.45
N PHE A 181 1.39 1.82 1.28
CA PHE A 181 0.68 1.93 2.55
C PHE A 181 -0.21 3.15 2.46
N ASP A 182 -1.49 2.97 2.76
CA ASP A 182 -2.46 4.05 2.60
C ASP A 182 -2.72 4.79 3.89
N LEU A 183 -2.73 6.12 3.80
CA LEU A 183 -3.24 6.94 4.89
C LEU A 183 -4.64 7.48 4.51
N LYS A 184 -5.24 8.19 5.47
CA LYS A 184 -6.48 8.93 5.21
C LYS A 184 -6.07 10.09 4.34
N SER A 185 -6.42 10.02 3.05
CA SER A 185 -5.94 11.01 2.06
C SER A 185 -4.43 11.16 1.86
N GLY A 186 -3.82 10.11 1.32
CA GLY A 186 -2.39 10.08 1.09
C GLY A 186 -1.89 8.65 1.09
N PHE A 187 -0.58 8.49 0.94
CA PHE A 187 0.01 7.18 0.85
C PHE A 187 1.52 7.29 0.95
N LEU A 188 2.16 6.18 1.29
CA LEU A 188 3.60 6.07 1.23
C LEU A 188 3.86 4.95 0.26
N GLN A 189 4.62 5.25 -0.80
CA GLN A 189 4.89 4.24 -1.81
C GLN A 189 6.35 3.92 -1.84
N PHE A 190 6.64 2.64 -2.05
CA PHE A 190 8.00 2.22 -2.28
C PHE A 190 8.06 1.49 -3.63
N PHE A 191 8.97 1.92 -4.49
CA PHE A 191 9.15 1.23 -5.74
C PHE A 191 10.48 0.59 -5.59
N LEU A 192 10.51 -0.71 -5.79
CA LEU A 192 11.74 -1.49 -5.65
C LEU A 192 11.99 -2.31 -6.90
N ALA A 193 13.13 -2.03 -7.54
CA ALA A 193 13.65 -2.87 -8.63
C ALA A 193 13.88 -4.33 -8.19
N PRO A 194 13.37 -5.28 -8.99
CA PRO A 194 13.78 -6.67 -8.73
C PRO A 194 15.26 -6.93 -9.06
N LYS A 195 15.81 -8.02 -8.53
CA LYS A 195 17.15 -8.48 -8.88
C LYS A 195 17.10 -9.11 -10.28
N PHE A 196 18.25 -9.45 -10.84
CA PHE A 196 18.32 -10.12 -12.14
C PHE A 196 18.51 -11.65 -12.00
N ASN A 197 19.44 -12.01 -11.13
CA ASN A 197 19.96 -13.40 -11.01
C ASN A 197 20.12 -13.85 -9.56
N MET B 9 3.82 32.34 3.80
CA MET B 9 3.94 31.43 4.92
C MET B 9 3.32 30.09 4.58
N LEU B 10 3.82 29.07 5.25
CA LEU B 10 3.18 27.77 5.26
C LEU B 10 2.74 27.55 6.69
N GLU B 11 1.59 26.93 6.86
CA GLU B 11 1.13 26.58 8.19
C GLU B 11 0.28 25.34 8.08
N ALA B 12 0.81 24.22 8.58
CA ALA B 12 0.11 22.95 8.49
C ALA B 12 0.02 22.31 9.85
N LYS B 13 -1.19 22.01 10.29
CA LYS B 13 -1.40 21.54 11.64
C LYS B 13 -1.95 20.13 11.62
N PHE B 14 -1.31 19.22 12.34
CA PHE B 14 -1.79 17.85 12.45
C PHE B 14 -2.68 17.71 13.65
N GLU B 15 -3.74 16.93 13.51
CA GLU B 15 -4.54 16.55 14.66
C GLU B 15 -3.63 15.84 15.68
N GLU B 16 -2.95 14.80 15.20
CA GLU B 16 -2.08 13.94 16.00
C GLU B 16 -0.62 14.18 15.69
N ALA B 17 0.15 14.66 16.66
CA ALA B 17 1.59 14.73 16.45
C ALA B 17 2.15 13.37 16.03
N SER B 18 1.54 12.30 16.55
CA SER B 18 1.97 10.94 16.26
C SER B 18 2.01 10.63 14.77
N LEU B 19 1.08 11.20 14.01
CA LEU B 19 0.99 10.85 12.60
C LEU B 19 2.28 11.16 11.85
N PHE B 20 2.78 12.35 12.04
CA PHE B 20 3.92 12.76 11.25
C PHE B 20 5.16 11.97 11.63
N LYS B 21 5.30 11.75 12.94
CA LYS B 21 6.43 11.00 13.48
C LYS B 21 6.46 9.61 12.85
N ARG B 22 5.28 9.01 12.83
CA ARG B 22 5.04 7.67 12.33
C ARG B 22 5.25 7.54 10.81
N ILE B 23 5.18 8.67 10.12
CA ILE B 23 5.39 8.73 8.69
C ILE B 23 6.87 8.84 8.40
N ILE B 24 7.55 9.73 9.10
CA ILE B 24 9.00 9.82 8.99
C ILE B 24 9.69 8.50 9.34
N ASP B 25 9.10 7.76 10.27
CA ASP B 25 9.71 6.51 10.72
C ASP B 25 9.52 5.45 9.66
N GLY B 26 8.43 5.61 8.93
CA GLY B 26 8.14 4.82 7.75
C GLY B 26 9.27 4.83 6.73
N PHE B 27 10.08 5.89 6.68
CA PHE B 27 11.16 5.90 5.72
C PHE B 27 12.50 6.58 6.08
N LYS B 28 12.69 7.00 7.32
CA LYS B 28 13.96 7.56 7.71
C LYS B 28 15.10 6.53 7.61
N ASP B 29 14.71 5.28 7.34
CA ASP B 29 15.64 4.15 7.32
C ASP B 29 16.32 3.80 5.97
N CYS B 30 15.83 4.32 4.86
CA CYS B 30 16.49 4.10 3.56
C CYS B 30 17.01 5.35 2.89
N VAL B 31 16.23 6.42 2.98
CA VAL B 31 16.71 7.71 2.56
C VAL B 31 16.85 8.57 3.77
N GLN B 32 17.81 9.48 3.71
CA GLN B 32 18.17 10.26 4.88
C GLN B 32 17.96 11.76 4.66
N LEU B 33 18.28 12.26 3.47
CA LEU B 33 17.90 13.64 3.12
C LEU B 33 16.82 13.71 2.06
N VAL B 34 15.68 14.29 2.40
CA VAL B 34 14.57 14.38 1.48
C VAL B 34 14.05 15.82 1.41
N ASN B 35 13.64 16.25 0.22
CA ASN B 35 12.96 17.54 0.03
C ASN B 35 11.46 17.32 0.11
N PHE B 36 10.82 17.99 1.07
CA PHE B 36 9.37 18.04 1.16
C PHE B 36 8.83 19.22 0.36
N GLN B 37 7.99 18.93 -0.62
CA GLN B 37 7.43 20.01 -1.40
C GLN B 37 6.04 20.33 -0.94
N CYS B 38 5.85 21.56 -0.46
CA CYS B 38 4.52 21.99 -0.08
C CYS B 38 3.81 22.79 -1.16
N LYS B 39 2.52 22.51 -1.30
CA LYS B 39 1.72 22.99 -2.41
C LYS B 39 0.45 23.55 -1.83
N GLU B 40 -0.47 23.99 -2.69
CA GLU B 40 -1.73 24.55 -2.21
C GLU B 40 -2.64 23.44 -1.72
N ASP B 41 -2.40 22.22 -2.23
CA ASP B 41 -3.27 21.07 -1.98
C ASP B 41 -2.62 19.91 -1.17
N GLY B 42 -1.49 20.18 -0.53
CA GLY B 42 -0.85 19.18 0.30
C GLY B 42 0.65 19.08 0.11
N ILE B 43 1.24 18.04 0.68
CA ILE B 43 2.69 17.88 0.68
C ILE B 43 3.08 16.60 0.00
N ILE B 44 4.14 16.65 -0.80
CA ILE B 44 4.66 15.44 -1.39
C ILE B 44 6.18 15.36 -1.23
N ALA B 45 6.71 14.13 -1.24
CA ALA B 45 8.15 13.89 -1.17
C ALA B 45 8.57 12.66 -1.98
N GLN B 46 9.62 12.81 -2.77
CA GLN B 46 10.24 11.69 -3.47
C GLN B 46 11.72 11.71 -3.13
N ALA B 47 12.30 10.52 -3.06
CA ALA B 47 13.73 10.39 -2.82
C ALA B 47 14.13 8.99 -3.20
N VAL B 48 15.35 8.86 -3.71
CA VAL B 48 15.90 7.56 -4.05
C VAL B 48 17.00 7.25 -3.04
N ASP B 49 17.17 5.99 -2.69
CA ASP B 49 18.24 5.67 -1.75
C ASP B 49 19.56 5.75 -2.49
N ASP B 50 20.63 5.31 -1.83
CA ASP B 50 21.97 5.45 -2.40
C ASP B 50 22.26 4.43 -3.51
N SER B 51 21.82 3.19 -3.31
CA SER B 51 21.95 2.15 -4.31
C SER B 51 21.13 2.44 -5.57
N ARG B 52 20.15 3.33 -5.44
CA ARG B 52 19.35 3.75 -6.58
C ARG B 52 18.48 2.62 -7.13
N VAL B 53 18.07 1.74 -6.23
CA VAL B 53 17.13 0.66 -6.56
C VAL B 53 15.78 0.88 -5.93
N LEU B 54 15.70 1.82 -5.00
CA LEU B 54 14.51 2.04 -4.20
C LEU B 54 14.08 3.51 -4.24
N LEU B 55 12.86 3.74 -4.71
CA LEU B 55 12.28 5.06 -4.72
C LEU B 55 11.19 5.13 -3.67
N VAL B 56 11.19 6.19 -2.88
CA VAL B 56 10.18 6.40 -1.85
C VAL B 56 9.33 7.57 -2.30
N SER B 57 8.02 7.36 -2.38
CA SER B 57 7.09 8.42 -2.77
C SER B 57 6.06 8.64 -1.68
N LEU B 58 6.12 9.81 -1.06
CA LEU B 58 5.14 10.22 -0.07
C LEU B 58 4.16 11.24 -0.66
N GLU B 59 2.89 11.08 -0.36
CA GLU B 59 1.92 12.13 -0.62
C GLU B 59 0.95 12.27 0.52
N ILE B 60 0.85 13.46 1.10
CA ILE B 60 -0.20 13.73 2.08
C ILE B 60 -1.15 14.80 1.58
N GLY B 61 -2.40 14.40 1.35
CA GLY B 61 -3.43 15.31 0.90
C GLY B 61 -3.84 16.27 1.99
N VAL B 62 -4.75 17.15 1.66
CA VAL B 62 -5.14 18.20 2.59
C VAL B 62 -5.96 17.63 3.74
N GLU B 63 -6.55 16.47 3.49
CA GLU B 63 -7.55 15.92 4.40
C GLU B 63 -6.90 15.15 5.54
N ALA B 64 -5.59 15.28 5.66
CA ALA B 64 -4.83 14.66 6.75
C ALA B 64 -4.41 15.71 7.78
N PHE B 65 -4.38 16.97 7.37
CA PHE B 65 -4.18 18.00 8.36
C PHE B 65 -5.52 18.43 8.88
N GLN B 66 -5.53 18.91 10.11
CA GLN B 66 -6.77 19.42 10.65
C GLN B 66 -6.91 20.82 10.08
N GLU B 67 -5.77 21.40 9.70
CA GLU B 67 -5.80 22.76 9.20
C GLU B 67 -4.59 22.94 8.30
N TYR B 68 -4.78 23.26 7.04
CA TYR B 68 -3.69 23.32 6.11
C TYR B 68 -3.71 24.70 5.44
N ARG B 69 -2.54 25.33 5.28
CA ARG B 69 -2.46 26.55 4.49
C ARG B 69 -1.08 26.70 3.90
N CYS B 70 -1.03 26.84 2.57
CA CYS B 70 0.23 27.07 1.89
C CYS B 70 0.09 28.12 0.79
N ASP B 71 0.53 29.34 1.09
CA ASP B 71 0.43 30.45 0.15
C ASP B 71 1.17 30.21 -1.18
N HIS B 72 2.46 29.96 -1.09
CA HIS B 72 3.22 29.65 -2.27
C HIS B 72 3.93 28.30 -2.16
N PRO B 73 4.09 27.61 -3.30
CA PRO B 73 5.00 26.48 -3.35
C PRO B 73 6.31 26.77 -2.63
N VAL B 74 6.66 25.88 -1.71
CA VAL B 74 7.91 26.01 -0.98
C VAL B 74 8.51 24.62 -0.84
N THR B 75 9.84 24.58 -0.80
CA THR B 75 10.51 23.32 -0.69
C THR B 75 11.43 23.31 0.53
N LEU B 76 11.16 22.41 1.46
CA LEU B 76 12.06 22.31 2.59
C LEU B 76 12.85 21.01 2.64
N GLY B 77 14.17 21.16 2.62
CA GLY B 77 15.08 20.04 2.63
C GLY B 77 15.50 19.69 4.04
N MET B 78 15.28 18.44 4.42
CA MET B 78 15.47 18.01 5.78
C MET B 78 16.37 16.82 5.88
N ASP B 79 17.32 16.90 6.81
CA ASP B 79 17.96 15.70 7.30
C ASP B 79 17.00 14.92 8.21
N LEU B 80 16.59 13.74 7.75
CA LEU B 80 15.59 12.94 8.48
C LEU B 80 16.07 12.44 9.83
N THR B 81 17.38 12.42 10.04
CA THR B 81 17.89 12.09 11.36
C THR B 81 17.62 13.26 12.30
N SER B 82 18.18 14.43 11.97
CA SER B 82 17.84 15.65 12.70
C SER B 82 16.35 15.70 12.97
N LEU B 83 15.53 15.56 11.93
CA LEU B 83 14.09 15.78 12.07
C LEU B 83 13.42 14.86 13.09
N SER B 84 13.87 13.61 13.20
CA SER B 84 13.17 12.69 14.09
C SER B 84 13.62 12.81 15.55
N LYS B 85 14.80 13.40 15.76
CA LYS B 85 15.24 13.81 17.10
C LYS B 85 14.20 14.79 17.66
N ILE B 86 13.83 15.77 16.85
CA ILE B 86 12.82 16.77 17.23
C ILE B 86 11.41 16.17 17.32
N LEU B 87 11.17 15.08 16.62
CA LEU B 87 9.84 14.50 16.60
C LEU B 87 9.62 13.62 17.83
N ARG B 88 10.66 13.47 18.64
CA ARG B 88 10.56 12.75 19.89
C ARG B 88 10.21 13.68 21.06
N CYS B 89 9.66 14.82 20.70
CA CYS B 89 9.48 15.93 21.63
C CYS B 89 8.33 15.77 22.59
N GLY B 90 7.10 15.88 22.10
CA GLY B 90 5.98 16.05 23.04
C GLY B 90 4.69 15.27 23.05
N ASN B 91 4.65 14.26 23.92
CA ASN B 91 3.38 13.58 24.22
C ASN B 91 2.71 12.85 23.06
N ASN B 92 3.14 13.16 21.83
CA ASN B 92 2.74 12.40 20.64
C ASN B 92 1.21 12.11 20.53
N THR B 93 0.46 12.87 21.31
CA THR B 93 -1.00 12.92 21.21
C THR B 93 -1.29 14.32 20.67
N ASP B 94 -0.24 15.15 20.64
CA ASP B 94 -0.42 16.60 20.57
C ASP B 94 -0.59 17.21 19.20
N THR B 95 -1.08 18.43 19.17
CA THR B 95 -1.21 19.14 17.90
C THR B 95 0.17 19.64 17.48
N LEU B 96 0.64 19.11 16.35
CA LEU B 96 1.90 19.53 15.78
C LEU B 96 1.65 20.42 14.58
N THR B 97 2.32 21.56 14.55
CA THR B 97 2.16 22.50 13.47
C THR B 97 3.49 22.84 12.83
N LEU B 98 3.59 22.68 11.51
CA LEU B 98 4.74 23.15 10.75
C LEU B 98 4.47 24.54 10.26
N ILE B 99 5.52 25.35 10.23
CA ILE B 99 5.39 26.73 9.88
C ILE B 99 6.70 27.12 9.23
N ALA B 100 6.60 27.72 8.05
CA ALA B 100 7.76 28.23 7.36
C ALA B 100 7.26 29.52 6.75
N ASP B 101 8.05 30.58 6.83
CA ASP B 101 7.67 31.79 6.10
C ASP B 101 8.40 31.67 4.77
N ASN B 102 7.89 32.31 3.73
CA ASN B 102 8.39 31.95 2.41
C ASN B 102 9.85 32.42 2.17
N THR B 103 10.54 31.65 1.31
CA THR B 103 12.01 31.68 1.10
C THR B 103 12.83 31.34 2.37
N PRO B 104 12.51 30.19 3.01
CA PRO B 104 12.86 29.84 4.39
C PRO B 104 14.20 29.17 4.54
N ASP B 105 14.79 29.36 5.72
CA ASP B 105 16.09 28.81 6.03
C ASP B 105 16.01 27.92 7.24
N SER B 106 14.86 27.99 7.90
CA SER B 106 14.48 27.11 8.97
C SER B 106 13.00 26.72 8.81
N ILE B 107 12.62 25.58 9.41
CA ILE B 107 11.23 25.23 9.55
C ILE B 107 10.85 25.27 11.04
N ILE B 108 9.59 25.56 11.36
CA ILE B 108 9.16 25.56 12.76
C ILE B 108 8.17 24.45 13.09
N LEU B 109 8.45 23.69 14.14
CA LEU B 109 7.52 22.66 14.58
C LEU B 109 7.05 23.05 15.95
N LEU B 110 5.75 23.19 16.08
CA LEU B 110 5.15 23.80 17.23
C LEU B 110 4.17 22.82 17.83
N PHE B 111 4.54 22.27 18.98
CA PHE B 111 3.69 21.33 19.71
C PHE B 111 2.85 22.10 20.70
N GLU B 112 1.57 21.74 20.77
CA GLU B 112 0.77 22.26 21.84
C GLU B 112 -0.17 21.17 22.31
N ASP B 113 -0.43 21.21 23.61
CA ASP B 113 -1.35 20.28 24.25
C ASP B 113 -2.65 21.03 24.23
N THR B 114 -3.75 20.28 24.12
CA THR B 114 -5.11 20.82 24.22
C THR B 114 -5.34 22.02 25.17
N LYS B 115 -4.82 21.95 26.38
CA LYS B 115 -4.87 23.08 27.35
C LYS B 115 -3.70 24.06 27.00
N LYS B 116 -3.94 25.36 27.19
CA LYS B 116 -2.96 26.41 26.88
C LYS B 116 -1.70 26.32 27.77
N ASP B 117 -1.61 25.19 28.48
CA ASP B 117 -0.59 24.93 29.51
C ASP B 117 0.89 24.99 29.05
N ARG B 118 1.25 24.13 28.10
CA ARG B 118 2.61 24.08 27.59
C ARG B 118 2.64 24.32 26.08
N ILE B 119 3.75 24.88 25.61
CA ILE B 119 3.92 25.16 24.18
C ILE B 119 5.39 25.06 23.78
N ALA B 120 5.78 23.89 23.28
CA ALA B 120 7.16 23.66 22.87
C ALA B 120 7.30 24.05 21.41
N GLU B 121 8.26 24.91 21.11
CA GLU B 121 8.52 25.27 19.73
C GLU B 121 9.95 25.00 19.30
N TYR B 122 10.10 24.15 18.28
CA TYR B 122 11.41 23.82 17.73
C TYR B 122 11.60 24.45 16.37
N SER B 123 12.84 24.78 16.06
CA SER B 123 13.22 25.30 14.77
C SER B 123 14.33 24.41 14.24
N LEU B 124 14.21 23.97 12.99
CA LEU B 124 15.21 23.11 12.36
C LEU B 124 15.89 23.84 11.20
N LYS B 125 17.22 24.00 11.23
CA LYS B 125 17.90 24.59 10.08
C LYS B 125 17.65 23.68 8.87
N LEU B 126 17.33 24.29 7.73
CA LEU B 126 17.11 23.55 6.48
C LEU B 126 18.38 23.18 5.71
N MET B 127 18.22 22.26 4.76
CA MET B 127 19.31 21.73 3.96
C MET B 127 19.16 22.20 2.55
N ASP B 128 20.27 22.23 1.85
CA ASP B 128 20.26 22.34 0.39
C ASP B 128 20.42 20.93 -0.18
N ILE B 129 19.41 20.46 -0.92
CA ILE B 129 19.40 19.09 -1.44
C ILE B 129 19.01 19.04 -2.92
N ASP B 130 19.80 18.31 -3.72
CA ASP B 130 19.55 18.23 -5.16
C ASP B 130 18.41 17.31 -5.54
N ALA B 131 17.57 17.79 -6.47
CA ALA B 131 16.30 17.15 -6.79
C ALA B 131 16.35 15.73 -7.42
N ASP B 132 17.54 15.22 -7.76
CA ASP B 132 17.66 13.99 -8.57
C ASP B 132 16.84 14.34 -9.81
N PHE B 133 16.39 13.33 -10.55
CA PHE B 133 15.62 13.57 -11.77
C PHE B 133 14.33 12.74 -11.93
N LEU B 134 14.22 11.64 -11.19
CA LEU B 134 13.08 10.74 -11.31
C LEU B 134 11.69 11.38 -11.36
N LYS B 135 10.77 10.75 -12.09
CA LYS B 135 9.40 11.22 -12.20
C LYS B 135 8.25 10.24 -11.90
N ILE B 136 8.52 8.93 -11.92
CA ILE B 136 7.48 7.89 -11.75
C ILE B 136 6.76 7.70 -13.09
N GLU B 137 6.26 6.49 -13.33
CA GLU B 137 5.36 6.19 -14.45
C GLU B 137 4.64 4.93 -13.94
N GLU B 138 3.31 4.96 -13.87
CA GLU B 138 2.52 3.78 -13.49
C GLU B 138 2.33 3.06 -14.83
N LEU B 139 2.06 1.75 -14.81
CA LEU B 139 1.94 1.04 -16.08
C LEU B 139 1.01 -0.18 -16.04
N GLN B 140 0.25 -0.30 -14.97
CA GLN B 140 -0.40 -1.58 -14.70
C GLN B 140 0.75 -2.54 -14.36
N TYR B 141 0.37 -3.66 -13.83
CA TYR B 141 1.32 -4.58 -13.27
C TYR B 141 0.66 -5.89 -13.58
N ASP B 142 1.47 -6.94 -13.70
CA ASP B 142 0.95 -8.29 -13.89
C ASP B 142 0.02 -8.75 -12.78
N SER B 143 0.38 -8.47 -11.52
CA SER B 143 -0.44 -8.87 -10.38
C SER B 143 -0.55 -7.85 -9.28
N THR B 144 -1.69 -7.86 -8.59
CA THR B 144 -1.91 -6.99 -7.45
C THR B 144 -2.51 -7.79 -6.27
N LEU B 145 -1.82 -7.76 -5.14
CA LEU B 145 -2.41 -8.29 -3.92
C LEU B 145 -2.33 -7.32 -2.79
N SER B 146 -3.26 -7.47 -1.86
CA SER B 146 -3.27 -6.69 -0.66
C SER B 146 -3.43 -7.67 0.51
N LEU B 147 -2.73 -7.37 1.61
CA LEU B 147 -2.78 -8.21 2.80
C LEU B 147 -2.45 -7.40 4.05
N PRO B 148 -2.65 -8.00 5.23
CA PRO B 148 -2.32 -7.22 6.43
C PRO B 148 -0.82 -6.90 6.45
N SER B 149 -0.47 -5.68 6.83
CA SER B 149 0.91 -5.27 6.75
C SER B 149 1.73 -5.96 7.84
N SER B 150 1.06 -6.33 8.92
CA SER B 150 1.70 -7.09 10.01
C SER B 150 2.11 -8.50 9.56
N GLU B 151 1.33 -9.06 8.63
CA GLU B 151 1.61 -10.39 8.13
C GLU B 151 2.79 -10.37 7.20
N PHE B 152 2.74 -9.47 6.25
CA PHE B 152 3.83 -9.27 5.33
C PHE B 152 5.11 -8.97 6.11
N SER B 153 4.97 -8.14 7.12
CA SER B 153 6.12 -7.80 7.92
C SER B 153 6.77 -9.05 8.51
N LYS B 154 5.95 -9.93 9.09
CA LYS B 154 6.42 -11.16 9.73
C LYS B 154 7.11 -12.02 8.69
N ILE B 155 6.44 -12.25 7.56
CA ILE B 155 7.04 -13.03 6.49
C ILE B 155 8.44 -12.55 6.14
N VAL B 156 8.55 -11.26 5.85
CA VAL B 156 9.81 -10.67 5.41
C VAL B 156 10.84 -10.82 6.51
N ARG B 157 10.45 -10.49 7.73
CA ARG B 157 11.37 -10.56 8.86
C ARG B 157 11.91 -11.97 9.03
N ASP B 158 11.02 -12.95 8.92
CA ASP B 158 11.34 -14.36 9.07
C ASP B 158 12.25 -14.89 7.97
N LEU B 159 11.79 -14.84 6.74
CA LEU B 159 12.61 -15.28 5.60
C LEU B 159 13.91 -14.51 5.50
N SER B 160 13.95 -13.31 6.07
CA SER B 160 15.17 -12.48 6.11
C SER B 160 16.33 -13.21 6.75
N GLN B 161 16.02 -14.07 7.71
CA GLN B 161 16.98 -14.86 8.46
C GLN B 161 17.88 -15.65 7.53
N LEU B 162 17.27 -16.29 6.53
CA LEU B 162 17.92 -17.30 5.70
C LEU B 162 18.72 -16.83 4.47
N SER B 163 18.19 -15.89 3.70
CA SER B 163 18.89 -15.43 2.50
C SER B 163 18.97 -13.92 2.44
N ASP B 164 19.69 -13.41 1.46
CA ASP B 164 19.75 -11.97 1.22
C ASP B 164 18.80 -11.61 0.10
N SER B 165 18.12 -12.64 -0.40
CA SER B 165 17.17 -12.52 -1.47
C SER B 165 15.89 -13.26 -1.11
N ILE B 166 14.78 -12.56 -1.18
CA ILE B 166 13.46 -13.19 -1.15
C ILE B 166 12.84 -13.17 -2.54
N ASN B 167 12.20 -14.27 -2.93
CA ASN B 167 11.60 -14.38 -4.25
C ASN B 167 10.08 -14.52 -4.11
N ILE B 168 9.31 -13.77 -4.90
CA ILE B 168 7.84 -13.86 -4.89
C ILE B 168 7.35 -14.53 -6.14
N MET B 169 6.35 -15.39 -5.99
CA MET B 169 5.86 -16.17 -7.11
C MET B 169 4.36 -16.27 -7.02
N ILE B 170 3.66 -15.76 -8.04
CA ILE B 170 2.21 -15.90 -8.10
C ILE B 170 1.81 -16.73 -9.29
N THR B 171 0.82 -17.60 -9.08
CA THR B 171 0.41 -18.57 -10.11
C THR B 171 -1.08 -18.94 -10.01
#